data_2VYT
#
_entry.id   2VYT
#
_cell.length_a   38.530
_cell.length_b   99.210
_cell.length_c   131.277
_cell.angle_alpha   90.00
_cell.angle_beta   90.00
_cell.angle_gamma   90.00
#
_symmetry.space_group_name_H-M   'P 21 21 21'
#
loop_
_entity.id
_entity.type
_entity.pdbx_description
1 polymer 'SEX COMB ON MIDLEG-LIKE PROTEIN 2'
2 non-polymer N-METHYL-LYSINE
3 non-polymer 'TRIETHYLENE GLYCOL'
4 water water
#
_entity_poly.entity_id   1
_entity_poly.type   'polypeptide(L)'
_entity_poly.pdbx_seq_one_letter_code
;GSTSSVQRDDFHWEEYLKETGSISAPSECFRQSQIPPVNDFKVGMKLEARDPRNATSVCIATVIGITGARLRLRLDGSDN
RNDFWRLVDSPDIQPVGTCEKEGDLLQPPLGYQMNTSSWPMFLLETLNGSEMASATLFKKEPPKPPLNNFKVGMKLEAID
KKNPYLICPATIGDVKGDEVHITFDGWSGAFDYWCKYDSRDIFPAGWCRLTGDVLQPPGTS
;
_entity_poly.pdbx_strand_id   A,B
#
loop_
_chem_comp.id
_chem_comp.type
_chem_comp.name
_chem_comp.formula
PGE non-polymer 'TRIETHYLENE GLYCOL' 'C6 H14 O4'
#
# COMPACT_ATOMS: atom_id res chain seq x y z
N ARG A 8 25.80 4.49 18.39
CA ARG A 8 26.93 5.30 18.91
C ARG A 8 28.24 4.53 18.85
N ASP A 9 29.28 5.20 18.36
CA ASP A 9 30.61 4.59 18.23
C ASP A 9 31.25 4.26 19.57
N ASP A 10 30.82 4.94 20.63
CA ASP A 10 31.36 4.72 21.96
C ASP A 10 30.76 3.52 22.70
N PHE A 11 29.47 3.26 22.47
CA PHE A 11 28.79 2.16 23.15
C PHE A 11 29.42 0.78 22.98
N HIS A 12 29.82 0.20 24.09
CA HIS A 12 30.42 -1.13 24.14
C HIS A 12 29.77 -1.81 25.35
N TRP A 13 29.06 -2.92 25.12
CA TRP A 13 28.36 -3.61 26.19
C TRP A 13 29.17 -3.87 27.47
N GLU A 14 30.36 -4.43 27.33
CA GLU A 14 31.19 -4.72 28.50
C GLU A 14 31.30 -3.50 29.42
N GLU A 15 31.50 -2.34 28.83
CA GLU A 15 31.63 -1.10 29.59
C GLU A 15 30.29 -0.62 30.16
N TYR A 16 29.24 -0.70 29.33
CA TYR A 16 27.91 -0.28 29.73
C TYR A 16 27.38 -1.11 30.91
N LEU A 17 27.68 -2.40 30.88
CA LEU A 17 27.24 -3.30 31.94
C LEU A 17 27.97 -2.94 33.22
N LYS A 18 29.27 -2.71 33.10
CA LYS A 18 30.06 -2.32 34.26
C LYS A 18 29.46 -1.06 34.88
N GLU A 19 29.32 -0.03 34.06
CA GLU A 19 28.78 1.26 34.50
C GLU A 19 27.40 1.23 35.14
N THR A 20 26.49 0.47 34.54
CA THR A 20 25.12 0.39 35.03
C THR A 20 24.96 -0.67 36.12
N GLY A 21 26.05 -1.36 36.44
CA GLY A 21 26.01 -2.39 37.46
C GLY A 21 24.99 -3.48 37.14
N SER A 22 24.92 -3.86 35.86
CA SER A 22 23.97 -4.85 35.41
C SER A 22 24.59 -6.02 34.66
N ILE A 23 23.80 -7.07 34.46
CA ILE A 23 24.27 -8.23 33.71
C ILE A 23 23.37 -8.32 32.47
N SER A 24 23.86 -9.00 31.46
CA SER A 24 23.12 -9.19 30.23
C SER A 24 22.52 -10.59 30.27
N ALA A 25 21.34 -10.75 29.68
CA ALA A 25 20.71 -12.07 29.66
C ALA A 25 21.62 -12.99 28.84
N PRO A 26 21.87 -14.21 29.34
CA PRO A 26 22.73 -15.17 28.63
C PRO A 26 22.10 -15.52 27.28
N SER A 27 22.93 -15.83 26.29
CA SER A 27 22.44 -16.16 24.94
C SER A 27 21.43 -17.30 24.90
N GLU A 28 21.50 -18.21 25.88
CA GLU A 28 20.59 -19.35 25.93
C GLU A 28 19.15 -18.97 26.23
N CYS A 29 18.93 -17.75 26.68
CA CYS A 29 17.56 -17.31 26.97
C CYS A 29 16.80 -17.01 25.71
N PHE A 30 17.54 -16.75 24.63
CA PHE A 30 16.92 -16.32 23.38
C PHE A 30 16.69 -17.30 22.27
N ARG A 31 15.64 -17.06 21.50
CA ARG A 31 15.42 -17.87 20.35
C ARG A 31 16.18 -17.15 19.21
N GLN A 32 17.51 -17.16 19.30
CA GLN A 32 18.40 -16.57 18.31
C GLN A 32 19.59 -17.53 18.26
N SER A 33 20.12 -17.77 17.07
CA SER A 33 21.25 -18.70 16.94
C SER A 33 22.53 -18.24 17.64
N GLN A 34 23.21 -19.18 18.29
CA GLN A 34 24.47 -18.91 18.99
C GLN A 34 25.42 -18.27 17.99
N ILE A 35 25.48 -18.87 16.79
CA ILE A 35 26.29 -18.35 15.71
C ILE A 35 25.27 -17.66 14.81
N PRO A 36 25.29 -16.32 14.75
CA PRO A 36 24.31 -15.61 13.91
C PRO A 36 24.29 -16.09 12.47
N PRO A 37 23.10 -16.15 11.86
CA PRO A 37 22.96 -16.59 10.48
C PRO A 37 23.62 -15.60 9.55
N VAL A 38 24.14 -16.08 8.43
CA VAL A 38 24.80 -15.23 7.45
C VAL A 38 23.76 -14.61 6.52
N ASN A 39 23.94 -13.32 6.21
CA ASN A 39 23.01 -12.59 5.35
C ASN A 39 23.64 -12.34 3.97
N ASP A 40 23.30 -13.19 3.02
CA ASP A 40 23.81 -13.06 1.65
C ASP A 40 22.78 -12.48 0.67
N PHE A 41 21.72 -11.89 1.19
CA PHE A 41 20.72 -11.28 0.32
C PHE A 41 21.29 -10.02 -0.30
N LYS A 42 20.71 -9.60 -1.42
CA LYS A 42 21.16 -8.39 -2.10
C LYS A 42 19.97 -7.48 -2.37
N VAL A 43 20.22 -6.19 -2.38
CA VAL A 43 19.15 -5.22 -2.65
C VAL A 43 18.55 -5.55 -4.01
N GLY A 44 17.22 -5.55 -4.09
CA GLY A 44 16.55 -5.85 -5.34
C GLY A 44 16.02 -7.28 -5.47
N MET A 45 16.53 -8.19 -4.65
CA MET A 45 16.09 -9.58 -4.72
C MET A 45 14.61 -9.70 -4.36
N LYS A 46 13.96 -10.70 -4.96
CA LYS A 46 12.54 -10.95 -4.72
C LYS A 46 12.38 -12.21 -3.85
N LEU A 47 11.36 -12.20 -3.00
CA LEU A 47 11.06 -13.33 -2.12
C LEU A 47 9.59 -13.24 -1.74
N GLU A 48 9.11 -14.21 -0.95
CA GLU A 48 7.72 -14.18 -0.50
C GLU A 48 7.73 -13.85 0.97
N ALA A 49 6.78 -13.02 1.41
CA ALA A 49 6.70 -12.64 2.81
C ALA A 49 5.26 -12.53 3.26
N ARG A 50 5.01 -12.88 4.50
CA ARG A 50 3.67 -12.75 5.04
C ARG A 50 3.42 -11.26 5.21
N ASP A 51 2.26 -10.82 4.75
CA ASP A 51 1.87 -9.41 4.83
C ASP A 51 1.79 -9.00 6.30
N PRO A 52 2.64 -8.06 6.72
CA PRO A 52 2.61 -7.65 8.12
C PRO A 52 1.28 -7.04 8.60
N ARG A 53 0.45 -6.60 7.66
CA ARG A 53 -0.84 -6.02 8.02
C ARG A 53 -2.00 -6.94 7.68
N ASN A 54 -1.68 -8.16 7.25
CA ASN A 54 -2.69 -9.15 6.85
C ASN A 54 -2.02 -10.53 6.88
N ALA A 55 -1.81 -11.03 8.09
CA ALA A 55 -1.13 -12.30 8.37
C ALA A 55 -1.49 -13.49 7.49
N THR A 56 -2.75 -13.62 7.11
CA THR A 56 -3.16 -14.75 6.29
C THR A 56 -2.68 -14.67 4.85
N SER A 57 -2.08 -13.54 4.45
CA SER A 57 -1.60 -13.39 3.09
C SER A 57 -0.10 -13.52 2.92
N VAL A 58 0.30 -14.17 1.83
CA VAL A 58 1.71 -14.29 1.49
C VAL A 58 1.80 -13.46 0.22
N CYS A 59 2.75 -12.54 0.19
CA CYS A 59 2.92 -11.63 -0.94
C CYS A 59 4.35 -11.62 -1.44
N ILE A 60 4.55 -11.05 -2.63
CA ILE A 60 5.89 -10.92 -3.16
C ILE A 60 6.49 -9.68 -2.48
N ALA A 61 7.74 -9.79 -2.04
CA ALA A 61 8.44 -8.69 -1.40
C ALA A 61 9.79 -8.48 -2.07
N THR A 62 10.28 -7.25 -2.04
CA THR A 62 11.58 -6.92 -2.62
C THR A 62 12.51 -6.46 -1.51
N VAL A 63 13.78 -6.85 -1.57
CA VAL A 63 14.72 -6.38 -0.57
C VAL A 63 15.06 -4.92 -0.90
N ILE A 64 14.66 -4.01 -0.02
CA ILE A 64 14.90 -2.58 -0.20
C ILE A 64 16.26 -2.21 0.41
N GLY A 65 16.64 -2.94 1.45
CA GLY A 65 17.90 -2.65 2.09
C GLY A 65 18.33 -3.82 2.97
N ILE A 66 19.58 -3.78 3.39
CA ILE A 66 20.18 -4.82 4.21
C ILE A 66 20.78 -4.17 5.46
N THR A 67 20.58 -4.78 6.63
CA THR A 67 21.17 -4.27 7.87
C THR A 67 21.40 -5.43 8.82
N GLY A 68 22.67 -5.77 9.02
CA GLY A 68 23.02 -6.89 9.87
C GLY A 68 22.42 -8.15 9.29
N ALA A 69 21.77 -8.95 10.12
CA ALA A 69 21.14 -10.19 9.67
C ALA A 69 19.69 -9.93 9.25
N ARG A 70 19.35 -8.66 9.05
CA ARG A 70 17.99 -8.29 8.68
C ARG A 70 17.81 -7.72 7.27
N LEU A 71 16.57 -7.82 6.78
CA LEU A 71 16.20 -7.30 5.47
C LEU A 71 15.11 -6.26 5.59
N ARG A 72 15.28 -5.13 4.91
CA ARG A 72 14.24 -4.12 4.88
C ARG A 72 13.44 -4.57 3.66
N LEU A 73 12.15 -4.85 3.86
CA LEU A 73 11.32 -5.34 2.78
C LEU A 73 10.15 -4.43 2.47
N ARG A 74 9.72 -4.48 1.21
CA ARG A 74 8.57 -3.72 0.73
C ARG A 74 7.77 -4.70 -0.10
N LEU A 75 6.46 -4.74 0.10
CA LEU A 75 5.62 -5.64 -0.67
C LEU A 75 5.37 -5.04 -2.05
N ASP A 76 5.71 -5.80 -3.09
CA ASP A 76 5.56 -5.33 -4.46
C ASP A 76 4.15 -4.85 -4.76
N GLY A 77 4.05 -3.67 -5.36
CA GLY A 77 2.76 -3.13 -5.70
C GLY A 77 2.20 -2.20 -4.64
N SER A 78 2.87 -2.09 -3.49
CA SER A 78 2.36 -1.21 -2.46
C SER A 78 3.21 0.05 -2.36
N ASP A 79 2.76 1.00 -1.54
CA ASP A 79 3.45 2.26 -1.34
C ASP A 79 4.76 2.00 -0.60
N ASN A 80 5.56 3.04 -0.41
CA ASN A 80 6.84 2.89 0.27
C ASN A 80 6.81 3.37 1.72
N ARG A 81 5.64 3.35 2.35
CA ARG A 81 5.50 3.82 3.72
C ARG A 81 5.19 2.73 4.75
N ASN A 82 5.21 1.47 4.30
CA ASN A 82 4.91 0.36 5.20
C ASN A 82 6.00 -0.71 5.18
N ASP A 83 7.24 -0.31 4.89
CA ASP A 83 8.36 -1.25 4.83
C ASP A 83 8.48 -1.94 6.18
N PHE A 84 9.03 -3.14 6.18
CA PHE A 84 9.19 -3.89 7.41
C PHE A 84 10.54 -4.62 7.43
N TRP A 85 10.96 -5.05 8.61
CA TRP A 85 12.25 -5.70 8.77
C TRP A 85 12.15 -7.13 9.25
N ARG A 86 12.84 -8.04 8.55
CA ARG A 86 12.81 -9.46 8.91
C ARG A 86 14.21 -10.09 8.89
N LEU A 87 14.45 -10.97 9.86
CA LEU A 87 15.71 -11.69 9.97
C LEU A 87 15.77 -12.71 8.83
N VAL A 88 16.99 -13.03 8.39
CA VAL A 88 17.13 -14.01 7.31
C VAL A 88 16.67 -15.38 7.73
N ASP A 89 16.48 -15.58 9.04
CA ASP A 89 16.00 -16.87 9.53
C ASP A 89 14.59 -16.74 10.11
N SER A 90 13.87 -15.72 9.63
CA SER A 90 12.51 -15.51 10.07
C SER A 90 11.59 -16.43 9.27
N PRO A 91 10.59 -17.04 9.94
CA PRO A 91 9.60 -17.96 9.35
C PRO A 91 8.63 -17.19 8.46
N ASP A 92 8.65 -15.87 8.58
CA ASP A 92 7.75 -15.03 7.80
C ASP A 92 8.19 -14.73 6.38
N ILE A 93 9.39 -15.15 6.02
CA ILE A 93 9.86 -14.92 4.65
C ILE A 93 10.25 -16.28 4.09
N GLN A 94 10.17 -16.41 2.77
CA GLN A 94 10.47 -17.69 2.12
C GLN A 94 10.76 -17.47 0.65
N PRO A 95 11.44 -18.43 0.00
CA PRO A 95 11.72 -18.21 -1.42
C PRO A 95 10.45 -18.23 -2.29
N VAL A 96 10.49 -17.53 -3.42
CA VAL A 96 9.35 -17.50 -4.33
C VAL A 96 9.01 -18.94 -4.73
N GLY A 97 7.73 -19.30 -4.65
CA GLY A 97 7.33 -20.64 -5.01
C GLY A 97 6.86 -21.48 -3.84
N THR A 98 7.27 -21.10 -2.63
CA THR A 98 6.90 -21.80 -1.40
C THR A 98 5.41 -21.80 -1.13
N CYS A 99 4.81 -20.63 -1.25
CA CYS A 99 3.39 -20.46 -1.03
C CYS A 99 2.57 -21.53 -1.75
N GLU A 100 2.87 -21.68 -3.03
CA GLU A 100 2.18 -22.65 -3.87
C GLU A 100 2.28 -24.06 -3.32
N LYS A 101 3.47 -24.43 -2.88
CA LYS A 101 3.73 -25.76 -2.32
C LYS A 101 3.09 -26.03 -0.96
N GLU A 102 2.63 -24.99 -0.28
CA GLU A 102 1.98 -25.19 1.00
C GLU A 102 0.48 -25.03 0.82
N GLY A 103 0.01 -25.31 -0.39
CA GLY A 103 -1.40 -25.22 -0.71
C GLY A 103 -1.97 -23.84 -0.46
N ASP A 104 -1.47 -22.85 -1.19
CA ASP A 104 -1.95 -21.49 -1.03
C ASP A 104 -1.64 -20.68 -2.28
N LEU A 105 -2.25 -19.51 -2.40
CA LEU A 105 -2.02 -18.65 -3.55
C LEU A 105 -1.50 -17.30 -3.08
N LEU A 106 -0.56 -16.74 -3.82
CA LEU A 106 -0.02 -15.43 -3.45
C LEU A 106 -1.15 -14.43 -3.59
N GLN A 107 -1.22 -13.50 -2.64
CA GLN A 107 -2.24 -12.46 -2.61
C GLN A 107 -1.61 -11.09 -2.79
N PRO A 108 -2.41 -10.09 -3.19
CA PRO A 108 -1.89 -8.73 -3.36
C PRO A 108 -1.70 -8.21 -1.94
N PRO A 109 -0.80 -7.26 -1.74
CA PRO A 109 -0.57 -6.72 -0.40
C PRO A 109 -1.74 -5.84 0.03
N LEU A 110 -1.89 -5.61 1.33
CA LEU A 110 -3.00 -4.79 1.81
C LEU A 110 -2.96 -3.41 1.18
N GLY A 111 -1.74 -2.90 0.97
CA GLY A 111 -1.60 -1.58 0.36
C GLY A 111 -1.39 -1.59 -1.15
N TYR A 112 -1.88 -2.64 -1.83
CA TYR A 112 -1.74 -2.74 -3.29
C TYR A 112 -2.29 -1.46 -3.91
N GLN A 113 -1.52 -0.84 -4.79
CA GLN A 113 -1.94 0.41 -5.40
C GLN A 113 -2.62 0.29 -6.76
N MET A 114 -2.85 -0.94 -7.21
CA MET A 114 -3.52 -1.15 -8.50
C MET A 114 -4.84 -1.86 -8.30
N ASN A 115 -5.64 -1.96 -9.36
CA ASN A 115 -6.91 -2.66 -9.22
C ASN A 115 -6.65 -4.14 -9.03
N THR A 116 -7.49 -4.78 -8.22
CA THR A 116 -7.32 -6.20 -7.91
C THR A 116 -7.21 -7.11 -9.13
N SER A 117 -7.97 -6.82 -10.16
CA SER A 117 -7.94 -7.64 -11.37
C SER A 117 -6.57 -7.61 -12.05
N SER A 118 -5.77 -6.58 -11.74
CA SER A 118 -4.45 -6.45 -12.35
C SER A 118 -3.41 -7.37 -11.71
N TRP A 119 -3.76 -8.01 -10.59
CA TRP A 119 -2.82 -8.86 -9.87
C TRP A 119 -2.12 -9.96 -10.66
N PRO A 120 -2.88 -10.79 -11.40
CA PRO A 120 -2.24 -11.85 -12.17
C PRO A 120 -1.13 -11.37 -13.10
N MET A 121 -1.40 -10.34 -13.89
CA MET A 121 -0.38 -9.84 -14.79
C MET A 121 0.72 -9.07 -14.06
N PHE A 122 0.37 -8.41 -12.96
CA PHE A 122 1.38 -7.67 -12.18
C PHE A 122 2.40 -8.67 -11.60
N LEU A 123 1.90 -9.78 -11.08
CA LEU A 123 2.77 -10.80 -10.50
C LEU A 123 3.80 -11.26 -11.52
N LEU A 124 3.34 -11.55 -12.74
CA LEU A 124 4.24 -11.98 -13.81
C LEU A 124 5.23 -10.89 -14.17
N GLU A 125 4.73 -9.66 -14.27
CA GLU A 125 5.55 -8.53 -14.63
C GLU A 125 6.61 -8.17 -13.60
N THR A 126 6.25 -8.25 -12.32
CA THR A 126 7.20 -7.88 -11.28
C THR A 126 8.29 -8.94 -11.09
N LEU A 127 7.99 -10.20 -11.42
CA LEU A 127 8.97 -11.26 -11.28
C LEU A 127 9.79 -11.50 -12.55
N ASN A 128 9.28 -11.02 -13.68
CA ASN A 128 9.96 -11.19 -14.96
C ASN A 128 11.39 -10.65 -14.95
N GLY A 129 12.34 -11.53 -15.25
CA GLY A 129 13.73 -11.12 -15.29
C GLY A 129 14.25 -10.58 -13.97
N SER A 130 13.55 -10.86 -12.88
CA SER A 130 13.98 -10.37 -11.58
C SER A 130 14.95 -11.37 -10.97
N GLU A 131 15.58 -10.97 -9.88
CA GLU A 131 16.52 -11.82 -9.17
C GLU A 131 15.76 -12.40 -7.96
N MET A 132 15.35 -13.66 -8.06
CA MET A 132 14.63 -14.30 -6.97
C MET A 132 15.62 -14.99 -6.03
N ALA A 133 15.62 -14.56 -4.77
CA ALA A 133 16.52 -15.11 -3.76
C ALA A 133 16.39 -16.64 -3.71
N SER A 134 17.54 -17.32 -3.77
CA SER A 134 17.60 -18.78 -3.71
C SER A 134 17.27 -19.30 -2.32
N ALA A 135 16.78 -20.54 -2.27
CA ALA A 135 16.41 -21.18 -1.01
C ALA A 135 17.57 -21.18 -0.02
N THR A 136 18.78 -21.19 -0.57
CA THR A 136 20.02 -21.20 0.20
C THR A 136 20.21 -19.97 1.10
N LEU A 137 19.63 -18.85 0.70
CA LEU A 137 19.76 -17.61 1.46
C LEU A 137 18.92 -17.59 2.75
N PHE A 138 17.86 -18.39 2.76
CA PHE A 138 16.96 -18.49 3.89
C PHE A 138 17.54 -19.46 4.92
N LYS A 139 17.83 -18.93 6.09
CA LYS A 139 18.45 -19.72 7.14
C LYS A 139 17.47 -20.40 8.09
N LYS A 140 17.94 -21.46 8.73
CA LYS A 140 17.10 -22.23 9.64
C LYS A 140 16.80 -21.48 10.94
N GLU A 141 15.53 -21.40 11.32
CA GLU A 141 15.19 -20.70 12.54
C GLU A 141 15.76 -21.44 13.75
N PRO A 142 16.27 -20.69 14.74
CA PRO A 142 16.83 -21.32 15.94
C PRO A 142 15.76 -22.07 16.70
N PRO A 143 16.15 -23.10 17.47
CA PRO A 143 15.11 -23.80 18.22
C PRO A 143 14.66 -22.92 19.38
N LYS A 144 13.47 -23.19 19.88
CA LYS A 144 12.94 -22.42 20.99
C LYS A 144 13.62 -22.81 22.30
N PRO A 145 14.00 -21.83 23.14
CA PRO A 145 14.63 -22.25 24.40
C PRO A 145 13.50 -22.94 25.15
N PRO A 146 13.77 -24.12 25.73
CA PRO A 146 12.77 -24.88 26.48
C PRO A 146 12.03 -24.08 27.54
N LEU A 147 12.80 -23.33 28.33
CA LEU A 147 12.22 -22.56 29.41
C LEU A 147 12.43 -21.07 29.26
N ASN A 148 11.67 -20.30 30.03
CA ASN A 148 11.79 -18.84 30.04
C ASN A 148 12.79 -18.58 31.16
N ASN A 149 14.04 -18.32 30.78
CA ASN A 149 15.12 -18.08 31.73
C ASN A 149 15.42 -16.62 32.02
N PHE A 150 14.63 -15.70 31.46
CA PHE A 150 14.87 -14.28 31.71
C PHE A 150 14.58 -13.90 33.17
N LYS A 151 15.42 -13.03 33.72
CA LYS A 151 15.24 -12.56 35.09
C LYS A 151 15.14 -11.03 35.04
N VAL A 152 14.31 -10.46 35.91
CA VAL A 152 14.12 -9.01 35.98
C VAL A 152 15.47 -8.31 36.17
N GLY A 153 15.69 -7.26 35.38
CA GLY A 153 16.93 -6.52 35.49
C GLY A 153 17.97 -6.90 34.43
N MET A 154 17.77 -8.03 33.75
CA MET A 154 18.74 -8.45 32.73
C MET A 154 18.65 -7.53 31.52
N LYS A 155 19.81 -7.24 30.93
CA LYS A 155 19.86 -6.37 29.75
C LYS A 155 19.97 -7.18 28.45
N LEU A 156 19.50 -6.58 27.36
CA LEU A 156 19.47 -7.25 26.07
C LEU A 156 19.29 -6.18 24.98
N GLU A 157 19.17 -6.63 23.74
CA GLU A 157 18.93 -5.73 22.61
C GLU A 157 17.53 -6.07 22.13
N ALA A 158 16.69 -5.06 21.97
CA ALA A 158 15.32 -5.33 21.53
C ALA A 158 14.82 -4.37 20.45
N ILE A 159 13.96 -4.87 19.58
CA ILE A 159 13.39 -4.03 18.54
C ILE A 159 12.29 -3.14 19.11
N ASP A 160 12.31 -1.88 18.71
CA ASP A 160 11.31 -0.90 19.11
C ASP A 160 10.16 -1.21 18.15
N LYS A 161 9.08 -1.79 18.66
CA LYS A 161 7.96 -2.15 17.80
C LYS A 161 7.21 -0.97 17.19
N LYS A 162 7.47 0.23 17.69
CA LYS A 162 6.83 1.42 17.15
C LYS A 162 7.70 1.98 16.03
N ASN A 163 8.97 1.58 16.03
CA ASN A 163 9.94 1.99 15.03
C ASN A 163 10.85 0.79 14.83
N PRO A 164 10.32 -0.27 14.20
CA PRO A 164 10.97 -1.56 13.90
C PRO A 164 12.37 -1.61 13.30
N TYR A 165 12.85 -0.54 12.70
CA TYR A 165 14.22 -0.58 12.17
C TYR A 165 15.20 -0.47 13.33
N LEU A 166 14.71 0.08 14.44
CA LEU A 166 15.54 0.31 15.60
C LEU A 166 15.71 -0.86 16.57
N ILE A 167 16.96 -1.23 16.84
CA ILE A 167 17.28 -2.26 17.82
C ILE A 167 17.97 -1.45 18.91
N CYS A 168 17.46 -1.56 20.13
CA CYS A 168 17.97 -0.73 21.23
C CYS A 168 18.33 -1.47 22.51
N PRO A 169 19.23 -0.87 23.32
CA PRO A 169 19.62 -1.48 24.59
C PRO A 169 18.33 -1.52 25.41
N ALA A 170 18.06 -2.68 26.01
CA ALA A 170 16.82 -2.83 26.76
C ALA A 170 16.99 -3.62 28.05
N THR A 171 15.97 -3.60 28.88
CA THR A 171 16.00 -4.30 30.16
C THR A 171 14.70 -5.03 30.43
N ILE A 172 14.81 -6.24 30.97
CA ILE A 172 13.64 -7.05 31.31
C ILE A 172 13.01 -6.35 32.51
N GLY A 173 11.81 -5.81 32.32
CA GLY A 173 11.15 -5.10 33.41
C GLY A 173 10.24 -5.98 34.25
N ASP A 174 9.88 -7.13 33.69
CA ASP A 174 9.00 -8.06 34.37
C ASP A 174 9.03 -9.39 33.62
N VAL A 175 8.60 -10.45 34.29
CA VAL A 175 8.53 -11.80 33.73
C VAL A 175 7.22 -12.42 34.22
N LYS A 176 6.42 -12.98 33.31
CA LYS A 176 5.15 -13.60 33.69
C LYS A 176 4.83 -14.72 32.71
N GLY A 177 4.95 -15.96 33.19
CA GLY A 177 4.69 -17.10 32.35
C GLY A 177 5.73 -17.14 31.25
N ASP A 178 5.29 -17.30 30.01
CA ASP A 178 6.23 -17.35 28.89
C ASP A 178 6.45 -15.97 28.26
N GLU A 179 6.07 -14.92 28.97
CA GLU A 179 6.23 -13.56 28.45
C GLU A 179 7.16 -12.67 29.28
N VAL A 180 7.72 -11.65 28.63
CA VAL A 180 8.62 -10.71 29.29
C VAL A 180 8.20 -9.30 28.93
N HIS A 181 8.38 -8.40 29.89
CA HIS A 181 8.04 -6.99 29.72
C HIS A 181 9.34 -6.29 29.33
N ILE A 182 9.39 -5.78 28.09
CA ILE A 182 10.57 -5.11 27.58
C ILE A 182 10.52 -3.61 27.86
N THR A 183 11.60 -3.07 28.43
CA THR A 183 11.69 -1.64 28.72
C THR A 183 12.95 -1.11 28.03
N PHE A 184 12.85 0.06 27.40
CA PHE A 184 14.01 0.63 26.71
C PHE A 184 14.78 1.63 27.54
N ASP A 185 16.06 1.33 27.73
CA ASP A 185 16.97 2.15 28.54
C ASP A 185 17.06 3.59 28.04
N GLY A 186 16.82 4.55 28.94
CA GLY A 186 16.90 5.95 28.57
C GLY A 186 15.65 6.53 27.96
N TRP A 187 14.63 5.70 27.76
CA TRP A 187 13.37 6.18 27.18
C TRP A 187 12.22 5.97 28.14
N SER A 188 11.13 6.66 27.89
CA SER A 188 9.96 6.54 28.75
C SER A 188 9.24 5.22 28.48
N GLY A 189 8.36 4.84 29.39
CA GLY A 189 7.61 3.61 29.24
C GLY A 189 6.75 3.61 28.00
N ALA A 190 6.71 4.73 27.29
CA ALA A 190 5.92 4.87 26.07
C ALA A 190 6.27 3.83 25.00
N PHE A 191 7.46 3.25 25.11
CA PHE A 191 7.88 2.25 24.14
C PHE A 191 7.91 0.83 24.71
N ASP A 192 7.47 0.67 25.94
CA ASP A 192 7.44 -0.64 26.58
C ASP A 192 6.46 -1.56 25.89
N TYR A 193 6.65 -2.87 26.06
CA TYR A 193 5.74 -3.86 25.50
C TYR A 193 6.01 -5.24 26.07
N TRP A 194 5.01 -6.11 26.00
CA TRP A 194 5.16 -7.48 26.46
C TRP A 194 5.34 -8.34 25.21
N CYS A 195 6.16 -9.38 25.30
CA CYS A 195 6.36 -10.31 24.19
C CYS A 195 6.75 -11.68 24.75
N LYS A 196 6.54 -12.72 23.95
CA LYS A 196 6.92 -14.06 24.37
C LYS A 196 8.44 -14.08 24.53
N TYR A 197 8.95 -14.86 25.47
CA TYR A 197 10.41 -14.90 25.67
C TYR A 197 11.16 -15.46 24.46
N ASP A 198 10.47 -16.18 23.58
CA ASP A 198 11.13 -16.73 22.40
C ASP A 198 10.86 -15.88 21.15
N SER A 199 10.48 -14.63 21.38
CA SER A 199 10.23 -13.69 20.28
C SER A 199 11.50 -13.52 19.45
N ARG A 200 11.32 -13.35 18.15
CA ARG A 200 12.44 -13.13 17.24
C ARG A 200 12.83 -11.64 17.24
N ASP A 201 12.12 -10.83 18.04
CA ASP A 201 12.39 -9.40 18.09
C ASP A 201 13.30 -8.97 19.24
N ILE A 202 13.81 -9.92 20.01
CA ILE A 202 14.73 -9.60 21.10
C ILE A 202 16.00 -10.41 20.86
N PHE A 203 17.13 -9.84 21.26
CA PHE A 203 18.41 -10.46 21.00
C PHE A 203 19.37 -10.26 22.16
N PRO A 204 20.36 -11.14 22.29
CA PRO A 204 21.34 -11.03 23.37
C PRO A 204 22.27 -9.82 23.16
N ALA A 205 22.79 -9.27 24.25
CA ALA A 205 23.72 -8.16 24.17
C ALA A 205 24.85 -8.65 23.25
N GLY A 206 25.27 -7.79 22.32
CA GLY A 206 26.33 -8.18 21.41
C GLY A 206 25.84 -8.67 20.04
N TRP A 207 24.54 -8.83 19.89
CA TRP A 207 24.00 -9.31 18.61
C TRP A 207 24.32 -8.38 17.43
N CYS A 208 24.03 -7.10 17.59
CA CYS A 208 24.28 -6.13 16.53
C CYS A 208 25.76 -6.06 16.16
N ARG A 209 26.62 -6.22 17.15
CA ARG A 209 28.04 -6.18 16.91
C ARG A 209 28.49 -7.38 16.08
N LEU A 210 28.01 -8.56 16.43
CA LEU A 210 28.37 -9.77 15.70
C LEU A 210 27.78 -9.83 14.29
N THR A 211 26.57 -9.33 14.12
CA THR A 211 25.90 -9.38 12.82
C THR A 211 26.16 -8.17 11.93
N GLY A 212 26.72 -7.12 12.50
CA GLY A 212 27.00 -5.91 11.76
C GLY A 212 25.74 -5.07 11.60
N ASP A 213 24.83 -5.18 12.56
CA ASP A 213 23.59 -4.42 12.54
C ASP A 213 23.83 -3.13 13.31
N VAL A 214 22.83 -2.25 13.34
CA VAL A 214 22.97 -1.00 14.06
C VAL A 214 22.28 -1.03 15.42
N LEU A 215 23.06 -0.88 16.49
CA LEU A 215 22.48 -0.85 17.81
C LEU A 215 22.34 0.62 18.17
N GLN A 216 21.13 1.03 18.55
CA GLN A 216 20.91 2.41 18.91
C GLN A 216 21.58 2.70 20.26
N PRO A 217 21.92 3.96 20.52
CA PRO A 217 22.55 4.27 21.80
C PRO A 217 21.41 4.43 22.79
N PRO A 218 21.67 4.25 24.09
CA PRO A 218 20.61 4.39 25.09
C PRO A 218 20.08 5.83 24.98
N GLY A 219 18.86 6.05 25.42
CA GLY A 219 18.29 7.38 25.37
C GLY A 219 18.84 8.22 26.51
N THR A 220 18.29 9.42 26.69
CA THR A 220 18.73 10.34 27.74
C THR A 220 17.62 10.66 28.74
N SER A 221 17.26 9.69 29.59
CA SER A 221 16.22 9.90 30.59
C SER A 221 16.72 10.68 31.80
N ASP B 9 -13.36 28.74 -19.41
CA ASP B 9 -12.47 29.92 -19.46
C ASP B 9 -12.75 30.88 -18.30
N ASP B 10 -11.69 31.32 -17.63
CA ASP B 10 -11.82 32.26 -16.50
C ASP B 10 -12.41 31.62 -15.25
N PHE B 11 -12.97 30.43 -15.38
CA PHE B 11 -13.60 29.73 -14.25
C PHE B 11 -12.65 29.27 -13.14
N HIS B 12 -13.00 29.62 -11.90
CA HIS B 12 -12.25 29.22 -10.72
C HIS B 12 -13.33 28.91 -9.67
N TRP B 13 -13.31 27.71 -9.11
CA TRP B 13 -14.32 27.29 -8.15
C TRP B 13 -14.53 28.22 -6.94
N GLU B 14 -13.44 28.59 -6.27
CA GLU B 14 -13.53 29.44 -5.10
C GLU B 14 -14.36 30.71 -5.39
N GLU B 15 -14.06 31.36 -6.52
CA GLU B 15 -14.77 32.57 -6.88
C GLU B 15 -16.24 32.28 -7.24
N TYR B 16 -16.47 31.21 -8.00
CA TYR B 16 -17.82 30.85 -8.41
C TYR B 16 -18.72 30.54 -7.21
N LEU B 17 -18.20 29.78 -6.24
CA LEU B 17 -19.00 29.47 -5.07
C LEU B 17 -19.39 30.77 -4.32
N LYS B 18 -18.46 31.70 -4.19
CA LYS B 18 -18.76 32.96 -3.51
C LYS B 18 -19.84 33.73 -4.27
N GLU B 19 -19.69 33.81 -5.60
CA GLU B 19 -20.67 34.53 -6.43
C GLU B 19 -22.05 33.91 -6.46
N THR B 20 -22.13 32.60 -6.28
CA THR B 20 -23.42 31.93 -6.34
C THR B 20 -24.00 31.55 -4.98
N GLY B 21 -23.30 31.91 -3.90
CA GLY B 21 -23.76 31.62 -2.55
C GLY B 21 -23.95 30.13 -2.31
N SER B 22 -22.99 29.35 -2.78
CA SER B 22 -23.10 27.90 -2.66
C SER B 22 -21.87 27.24 -2.09
N ILE B 23 -21.97 25.94 -1.82
CA ILE B 23 -20.84 25.19 -1.31
C ILE B 23 -20.61 24.00 -2.22
N SER B 24 -19.41 23.44 -2.18
CA SER B 24 -19.10 22.28 -3.01
C SER B 24 -19.29 21.03 -2.16
N ALA B 25 -19.70 19.94 -2.80
CA ALA B 25 -19.88 18.67 -2.09
C ALA B 25 -18.50 18.21 -1.61
N PRO B 26 -18.39 17.85 -0.32
CA PRO B 26 -17.12 17.39 0.26
C PRO B 26 -16.59 16.18 -0.50
N SER B 27 -15.28 16.02 -0.56
CA SER B 27 -14.71 14.89 -1.31
C SER B 27 -15.14 13.53 -0.75
N GLU B 28 -15.50 13.50 0.54
CA GLU B 28 -15.93 12.27 1.19
C GLU B 28 -17.25 11.74 0.63
N CYS B 29 -17.98 12.57 -0.10
CA CYS B 29 -19.24 12.13 -0.67
C CYS B 29 -19.05 11.21 -1.88
N PHE B 30 -17.88 11.32 -2.49
CA PHE B 30 -17.63 10.61 -3.74
C PHE B 30 -16.86 9.31 -3.72
N ARG B 31 -17.16 8.49 -4.72
CA ARG B 31 -16.43 7.26 -4.91
C ARG B 31 -15.35 7.67 -5.91
N GLN B 32 -14.41 8.48 -5.40
CA GLN B 32 -13.27 8.98 -6.17
C GLN B 32 -12.18 9.08 -5.12
N SER B 33 -10.94 8.77 -5.48
CA SER B 33 -9.83 8.82 -4.52
C SER B 33 -9.48 10.25 -4.09
N GLN B 34 -9.19 10.42 -2.80
CA GLN B 34 -8.82 11.71 -2.24
C GLN B 34 -7.64 12.25 -3.04
N ILE B 35 -6.72 11.34 -3.37
CA ILE B 35 -5.56 11.69 -4.17
C ILE B 35 -5.87 11.07 -5.53
N PRO B 36 -6.20 11.89 -6.54
CA PRO B 36 -6.52 11.32 -7.85
C PRO B 36 -5.43 10.39 -8.40
N PRO B 37 -5.84 9.35 -9.13
CA PRO B 37 -4.87 8.40 -9.70
C PRO B 37 -4.04 9.08 -10.80
N VAL B 38 -2.79 8.67 -10.94
CA VAL B 38 -1.93 9.22 -11.98
C VAL B 38 -2.19 8.46 -13.27
N ASN B 39 -2.20 9.17 -14.39
CA ASN B 39 -2.45 8.57 -15.69
C ASN B 39 -1.14 8.42 -16.46
N ASP B 40 -0.62 7.20 -16.54
CA ASP B 40 0.62 6.99 -17.27
C ASP B 40 0.42 6.23 -18.58
N PHE B 41 -0.83 6.13 -19.03
CA PHE B 41 -1.09 5.46 -20.30
C PHE B 41 -0.57 6.34 -21.44
N LYS B 42 -0.42 5.75 -22.61
CA LYS B 42 0.03 6.47 -23.80
C LYS B 42 -0.89 6.06 -24.95
N VAL B 43 -1.20 7.01 -25.83
CA VAL B 43 -2.06 6.71 -26.96
C VAL B 43 -1.45 5.55 -27.74
N GLY B 44 -2.29 4.63 -28.17
CA GLY B 44 -1.79 3.47 -28.91
C GLY B 44 -1.76 2.20 -28.09
N MET B 45 -1.56 2.31 -26.78
CA MET B 45 -1.51 1.15 -25.89
C MET B 45 -2.77 0.30 -25.97
N LYS B 46 -2.61 -0.99 -25.67
CA LYS B 46 -3.70 -1.96 -25.69
C LYS B 46 -4.03 -2.40 -24.26
N LEU B 47 -5.28 -2.77 -24.05
CA LEU B 47 -5.75 -3.24 -22.74
C LEU B 47 -7.03 -4.03 -22.97
N GLU B 48 -7.50 -4.69 -21.91
CA GLU B 48 -8.72 -5.48 -21.98
C GLU B 48 -9.86 -4.75 -21.28
N ALA B 49 -11.00 -4.68 -21.94
CA ALA B 49 -12.16 -4.01 -21.38
C ALA B 49 -13.32 -4.99 -21.19
N ARG B 50 -13.96 -4.94 -20.03
CA ARG B 50 -15.10 -5.80 -19.73
C ARG B 50 -16.41 -5.11 -20.09
N THR B 56 -19.75 -8.93 -19.08
CA THR B 56 -19.13 -10.18 -18.68
C THR B 56 -18.06 -10.60 -19.69
N SER B 57 -18.16 -10.04 -20.89
CA SER B 57 -17.21 -10.34 -21.95
C SER B 57 -16.04 -9.35 -21.91
N VAL B 58 -14.88 -9.79 -22.34
CA VAL B 58 -13.69 -8.95 -22.35
C VAL B 58 -13.19 -8.82 -23.77
N CYS B 59 -12.82 -7.61 -24.17
CA CYS B 59 -12.32 -7.36 -25.51
C CYS B 59 -11.07 -6.51 -25.47
N ILE B 60 -10.25 -6.62 -26.50
CA ILE B 60 -9.05 -5.81 -26.57
C ILE B 60 -9.47 -4.42 -27.03
N ALA B 61 -8.87 -3.41 -26.42
CA ALA B 61 -9.17 -2.02 -26.75
C ALA B 61 -7.85 -1.27 -26.86
N THR B 62 -7.89 -0.12 -27.54
CA THR B 62 -6.70 0.67 -27.73
C THR B 62 -6.96 2.08 -27.19
N VAL B 63 -5.95 2.69 -26.58
CA VAL B 63 -6.08 4.04 -26.05
C VAL B 63 -6.02 5.03 -27.22
N ILE B 64 -7.18 5.63 -27.54
CA ILE B 64 -7.28 6.59 -28.63
C ILE B 64 -6.89 8.00 -28.19
N GLY B 65 -7.27 8.35 -26.96
CA GLY B 65 -6.95 9.68 -26.47
C GLY B 65 -6.79 9.69 -24.96
N ILE B 66 -6.13 10.73 -24.46
CA ILE B 66 -5.91 10.87 -23.04
C ILE B 66 -6.20 12.30 -22.57
N THR B 67 -6.90 12.41 -21.45
CA THR B 67 -7.23 13.70 -20.89
C THR B 67 -7.41 13.49 -19.38
N GLY B 68 -6.56 14.16 -18.60
CA GLY B 68 -6.63 14.02 -17.16
C GLY B 68 -6.49 12.55 -16.81
N ALA B 69 -7.32 12.09 -15.89
CA ALA B 69 -7.27 10.70 -15.46
C ALA B 69 -8.14 9.81 -16.35
N ARG B 70 -8.61 10.34 -17.47
CA ARG B 70 -9.47 9.59 -18.37
C ARG B 70 -8.77 9.08 -19.63
N LEU B 71 -9.29 7.98 -20.16
CA LEU B 71 -8.78 7.37 -21.38
C LEU B 71 -9.93 7.30 -22.37
N ARG B 72 -9.66 7.65 -23.63
CA ARG B 72 -10.67 7.52 -24.67
C ARG B 72 -10.31 6.17 -25.29
N LEU B 73 -11.23 5.22 -25.21
CA LEU B 73 -10.98 3.86 -25.70
C LEU B 73 -11.84 3.41 -26.88
N ARG B 74 -11.27 2.48 -27.66
CA ARG B 74 -11.94 1.93 -28.83
C ARG B 74 -11.68 0.43 -28.90
N LEU B 75 -12.75 -0.36 -28.94
CA LEU B 75 -12.61 -1.80 -29.03
C LEU B 75 -12.03 -2.16 -30.39
N ASP B 76 -10.88 -2.83 -30.40
CA ASP B 76 -10.23 -3.21 -31.65
C ASP B 76 -11.24 -3.84 -32.62
N GLY B 77 -11.40 -3.21 -33.78
CA GLY B 77 -12.33 -3.71 -34.78
C GLY B 77 -13.71 -3.07 -34.70
N SER B 78 -13.78 -1.84 -34.22
CA SER B 78 -15.04 -1.13 -34.08
C SER B 78 -15.25 -0.03 -35.12
N ASP B 79 -16.49 0.46 -35.19
CA ASP B 79 -16.89 1.50 -36.13
C ASP B 79 -16.16 2.82 -35.87
N ASN B 80 -15.32 2.83 -34.84
CA ASN B 80 -14.55 4.02 -34.46
C ASN B 80 -15.44 5.08 -33.81
N ARG B 81 -16.71 5.11 -34.20
CA ARG B 81 -17.66 6.07 -33.63
C ARG B 81 -18.30 5.43 -32.40
N ASN B 82 -17.66 4.38 -31.88
CA ASN B 82 -18.16 3.68 -30.70
C ASN B 82 -17.24 3.87 -29.50
N ASP B 83 -16.30 4.80 -29.62
CA ASP B 83 -15.34 5.08 -28.56
C ASP B 83 -15.98 5.38 -27.20
N PHE B 84 -15.47 4.74 -26.15
CA PHE B 84 -15.99 4.95 -24.80
C PHE B 84 -14.89 5.49 -23.89
N TRP B 85 -15.30 6.07 -22.77
CA TRP B 85 -14.35 6.66 -21.83
C TRP B 85 -14.25 5.89 -20.52
N ARG B 86 -13.05 5.90 -19.93
CA ARG B 86 -12.82 5.22 -18.66
C ARG B 86 -11.68 5.88 -17.87
N LEU B 87 -11.86 5.94 -16.55
CA LEU B 87 -10.86 6.48 -15.65
C LEU B 87 -9.79 5.41 -15.54
N VAL B 88 -8.55 5.80 -15.29
CA VAL B 88 -7.48 4.82 -15.17
C VAL B 88 -7.67 3.90 -13.97
N ASP B 89 -8.58 4.25 -13.05
CA ASP B 89 -8.82 3.38 -11.90
C ASP B 89 -10.18 2.69 -11.99
N SER B 90 -10.71 2.60 -13.20
CA SER B 90 -11.98 1.93 -13.45
C SER B 90 -11.76 0.42 -13.38
N PRO B 91 -12.68 -0.32 -12.73
CA PRO B 91 -12.56 -1.77 -12.60
C PRO B 91 -12.77 -2.44 -13.96
N ASP B 92 -13.42 -1.72 -14.86
CA ASP B 92 -13.74 -2.20 -16.21
C ASP B 92 -12.59 -2.37 -17.18
N ILE B 93 -11.38 -2.03 -16.77
CA ILE B 93 -10.24 -2.19 -17.66
C ILE B 93 -9.18 -2.97 -16.92
N GLN B 94 -8.39 -3.74 -17.64
CA GLN B 94 -7.35 -4.57 -17.03
C GLN B 94 -6.25 -4.83 -18.06
N PRO B 95 -5.06 -5.22 -17.60
CA PRO B 95 -3.98 -5.48 -18.55
C PRO B 95 -4.26 -6.64 -19.50
N VAL B 96 -3.65 -6.60 -20.67
CA VAL B 96 -3.80 -7.65 -21.67
C VAL B 96 -3.25 -8.96 -21.09
N GLY B 97 -4.05 -10.01 -21.16
CA GLY B 97 -3.63 -11.30 -20.64
C GLY B 97 -4.33 -11.67 -19.34
N THR B 98 -5.06 -10.73 -18.77
CA THR B 98 -5.77 -10.95 -17.51
C THR B 98 -6.84 -12.03 -17.64
N CYS B 99 -7.69 -11.92 -18.65
CA CYS B 99 -8.76 -12.89 -18.84
C CYS B 99 -8.19 -14.30 -18.92
N GLU B 100 -7.16 -14.47 -19.73
CA GLU B 100 -6.52 -15.77 -19.88
C GLU B 100 -5.98 -16.25 -18.53
N LYS B 101 -5.14 -15.45 -17.91
CA LYS B 101 -4.56 -15.82 -16.61
C LYS B 101 -5.63 -16.20 -15.59
N GLU B 102 -6.82 -15.65 -15.75
CA GLU B 102 -7.91 -15.99 -14.83
C GLU B 102 -8.39 -17.41 -15.12
N GLY B 103 -8.14 -17.87 -16.34
CA GLY B 103 -8.51 -19.21 -16.72
C GLY B 103 -7.41 -20.19 -16.35
N ASP B 104 -6.47 -19.71 -15.55
CA ASP B 104 -5.33 -20.51 -15.09
C ASP B 104 -4.30 -19.61 -14.40
N SER B 130 1.04 -3.87 -30.55
CA SER B 130 1.65 -2.60 -30.19
C SER B 130 2.27 -2.68 -28.80
N GLU B 131 2.42 -1.54 -28.15
CA GLU B 131 2.99 -1.50 -26.81
C GLU B 131 1.92 -1.94 -25.81
N MET B 132 2.31 -2.74 -24.84
CA MET B 132 1.36 -3.21 -23.84
C MET B 132 1.41 -2.32 -22.61
N ALA B 133 0.24 -2.00 -22.07
CA ALA B 133 0.14 -1.17 -20.89
C ALA B 133 0.59 -2.00 -19.69
N SER B 134 1.60 -1.51 -18.98
CA SER B 134 2.09 -2.16 -17.78
C SER B 134 0.93 -2.32 -16.81
N ALA B 135 0.96 -3.39 -16.02
CA ALA B 135 -0.10 -3.63 -15.05
C ALA B 135 -0.13 -2.52 -14.00
N THR B 136 0.99 -1.84 -13.80
CA THR B 136 1.06 -0.78 -12.81
C THR B 136 0.24 0.47 -13.20
N LEU B 137 -0.24 0.53 -14.45
CA LEU B 137 -1.01 1.67 -14.92
C LEU B 137 -2.48 1.61 -14.48
N PHE B 138 -2.95 0.41 -14.14
CA PHE B 138 -4.33 0.21 -13.71
C PHE B 138 -4.47 0.44 -12.21
N LYS B 139 -4.76 1.69 -11.87
CA LYS B 139 -4.86 2.13 -10.48
C LYS B 139 -6.03 1.57 -9.68
N LYS B 140 -5.83 1.45 -8.37
CA LYS B 140 -6.88 0.90 -7.50
C LYS B 140 -8.15 1.74 -7.44
N GLU B 141 -9.30 1.12 -7.67
CA GLU B 141 -10.55 1.88 -7.63
C GLU B 141 -10.80 2.39 -6.21
N PRO B 142 -11.42 3.57 -6.09
CA PRO B 142 -11.68 4.12 -4.75
C PRO B 142 -12.73 3.34 -3.96
N PRO B 143 -12.71 3.50 -2.64
CA PRO B 143 -13.67 2.81 -1.78
C PRO B 143 -15.04 3.45 -2.00
N LYS B 144 -16.10 2.69 -1.77
CA LYS B 144 -17.45 3.19 -1.92
C LYS B 144 -17.87 3.85 -0.60
N PRO B 145 -18.30 5.13 -0.64
CA PRO B 145 -18.71 5.77 0.62
C PRO B 145 -19.87 4.96 1.21
N PRO B 146 -19.82 4.71 2.53
CA PRO B 146 -20.84 3.94 3.25
C PRO B 146 -22.25 4.50 3.13
N LEU B 147 -22.36 5.83 3.07
CA LEU B 147 -23.65 6.49 2.98
C LEU B 147 -23.71 7.51 1.86
N ASN B 148 -24.91 7.88 1.44
CA ASN B 148 -25.10 8.92 0.42
C ASN B 148 -25.14 10.22 1.22
N ASN B 149 -24.05 10.98 1.17
CA ASN B 149 -23.94 12.25 1.91
C ASN B 149 -24.22 13.52 1.10
N PHE B 150 -24.58 13.35 -0.16
CA PHE B 150 -24.90 14.50 -0.99
C PHE B 150 -26.11 15.24 -0.47
N LYS B 151 -26.11 16.56 -0.64
CA LYS B 151 -27.19 17.43 -0.21
C LYS B 151 -27.57 18.38 -1.35
N VAL B 152 -28.86 18.68 -1.50
CA VAL B 152 -29.32 19.57 -2.56
C VAL B 152 -28.63 20.92 -2.46
N GLY B 153 -28.13 21.41 -3.59
CA GLY B 153 -27.45 22.69 -3.60
C GLY B 153 -25.94 22.57 -3.70
N MET B 154 -25.40 21.41 -3.32
CA MET B 154 -23.96 21.20 -3.39
C MET B 154 -23.49 21.15 -4.83
N LYS B 155 -22.34 21.77 -5.10
CA LYS B 155 -21.77 21.80 -6.43
C LYS B 155 -20.65 20.77 -6.59
N LEU B 156 -20.46 20.33 -7.83
CA LEU B 156 -19.47 19.30 -8.13
C LEU B 156 -19.11 19.37 -9.61
N GLU B 157 -18.32 18.40 -10.08
CA GLU B 157 -17.96 18.31 -11.50
C GLU B 157 -18.57 16.98 -11.97
N ALA B 158 -19.20 16.99 -13.15
CA ALA B 158 -19.86 15.79 -13.62
C ALA B 158 -19.74 15.58 -15.12
N ILE B 159 -19.71 14.31 -15.53
CA ILE B 159 -19.65 13.99 -16.95
C ILE B 159 -21.03 14.25 -17.56
N ASP B 160 -21.07 14.90 -18.72
CA ASP B 160 -22.31 15.15 -19.42
C ASP B 160 -22.61 13.84 -20.17
N LYS B 161 -23.56 13.06 -19.69
CA LYS B 161 -23.85 11.78 -20.31
C LYS B 161 -24.37 11.87 -21.76
N LYS B 162 -24.84 13.03 -22.18
CA LYS B 162 -25.28 13.17 -23.58
C LYS B 162 -24.08 13.54 -24.44
N ASN B 163 -23.01 14.01 -23.79
CA ASN B 163 -21.77 14.40 -24.46
C ASN B 163 -20.64 13.95 -23.53
N PRO B 164 -20.47 12.61 -23.39
CA PRO B 164 -19.49 11.89 -22.57
C PRO B 164 -18.08 12.43 -22.41
N TYR B 165 -17.57 13.13 -23.41
CA TYR B 165 -16.22 13.67 -23.33
C TYR B 165 -16.12 14.93 -22.47
N LEU B 166 -17.27 15.52 -22.13
CA LEU B 166 -17.29 16.76 -21.35
C LEU B 166 -17.47 16.57 -19.83
N ILE B 167 -16.69 17.28 -19.02
CA ILE B 167 -16.86 17.27 -17.56
C ILE B 167 -17.29 18.72 -17.33
N CYS B 168 -18.38 18.91 -16.60
CA CYS B 168 -18.97 20.25 -16.39
C CYS B 168 -19.37 20.57 -14.95
N PRO B 169 -19.45 21.86 -14.61
CA PRO B 169 -19.85 22.29 -13.27
C PRO B 169 -21.31 21.87 -13.12
N ALA B 170 -21.63 21.22 -12.01
CA ALA B 170 -22.97 20.73 -11.79
C ALA B 170 -23.41 20.97 -10.36
N THR B 171 -24.71 20.79 -10.13
CA THR B 171 -25.30 20.98 -8.82
C THR B 171 -26.23 19.81 -8.51
N ILE B 172 -26.23 19.38 -7.24
CA ILE B 172 -27.12 18.31 -6.81
C ILE B 172 -28.51 18.95 -6.75
N GLY B 173 -29.43 18.48 -7.60
CA GLY B 173 -30.76 19.06 -7.65
C GLY B 173 -31.73 18.38 -6.71
N ASP B 174 -31.47 17.11 -6.42
CA ASP B 174 -32.34 16.35 -5.52
C ASP B 174 -31.55 15.12 -5.06
N VAL B 175 -32.00 14.52 -3.97
CA VAL B 175 -31.36 13.34 -3.43
C VAL B 175 -32.48 12.40 -2.96
N LYS B 176 -32.46 11.16 -3.45
CA LYS B 176 -33.48 10.17 -3.09
C LYS B 176 -32.87 8.79 -2.91
N GLY B 177 -32.83 8.31 -1.67
CA GLY B 177 -32.25 7.01 -1.42
C GLY B 177 -30.78 7.01 -1.79
N ASP B 178 -30.37 6.06 -2.63
CA ASP B 178 -28.96 5.99 -3.02
C ASP B 178 -28.70 6.73 -4.34
N GLU B 179 -29.64 7.56 -4.76
CA GLU B 179 -29.49 8.28 -6.02
C GLU B 179 -29.42 9.79 -5.84
N VAL B 180 -28.76 10.45 -6.79
CA VAL B 180 -28.68 11.91 -6.77
C VAL B 180 -29.07 12.40 -8.14
N HIS B 181 -29.63 13.60 -8.17
CA HIS B 181 -30.07 14.21 -9.42
C HIS B 181 -29.06 15.26 -9.84
N ILE B 182 -28.33 14.97 -10.90
CA ILE B 182 -27.31 15.87 -11.43
C ILE B 182 -27.88 16.89 -12.37
N THR B 183 -27.61 18.17 -12.10
CA THR B 183 -28.08 19.26 -12.96
C THR B 183 -26.85 20.08 -13.37
N PHE B 184 -26.83 20.55 -14.62
CA PHE B 184 -25.68 21.29 -15.10
C PHE B 184 -25.89 22.79 -15.09
N ASP B 185 -24.99 23.48 -14.38
CA ASP B 185 -25.06 24.92 -14.21
C ASP B 185 -25.10 25.66 -15.55
N GLY B 186 -26.10 26.51 -15.72
CA GLY B 186 -26.22 27.27 -16.95
C GLY B 186 -26.83 26.54 -18.13
N TRP B 187 -27.32 25.31 -17.90
CA TRP B 187 -27.94 24.51 -18.95
C TRP B 187 -29.32 24.03 -18.46
N SER B 188 -30.23 23.79 -19.40
CA SER B 188 -31.58 23.36 -19.04
C SER B 188 -31.66 21.93 -18.51
N GLY B 189 -32.85 21.55 -18.05
CA GLY B 189 -33.06 20.21 -17.52
C GLY B 189 -32.85 19.10 -18.54
N ALA B 190 -32.69 19.46 -19.82
CA ALA B 190 -32.47 18.43 -20.84
C ALA B 190 -31.18 17.62 -20.59
N PHE B 191 -30.24 18.21 -19.84
CA PHE B 191 -28.99 17.52 -19.55
C PHE B 191 -28.94 16.89 -18.16
N ASP B 192 -30.04 17.00 -17.42
CA ASP B 192 -30.12 16.40 -16.08
C ASP B 192 -30.04 14.88 -16.19
N TYR B 193 -29.73 14.23 -15.07
CA TYR B 193 -29.75 12.78 -15.00
C TYR B 193 -29.59 12.30 -13.57
N TRP B 194 -30.20 11.16 -13.27
CA TRP B 194 -30.11 10.59 -11.95
C TRP B 194 -29.03 9.54 -12.02
N CYS B 195 -28.26 9.39 -10.96
CA CYS B 195 -27.23 8.35 -10.93
C CYS B 195 -27.02 7.96 -9.48
N LYS B 196 -26.39 6.81 -9.25
CA LYS B 196 -26.11 6.36 -7.90
C LYS B 196 -25.10 7.33 -7.32
N TYR B 197 -25.18 7.61 -6.02
CA TYR B 197 -24.24 8.54 -5.40
C TYR B 197 -22.79 8.08 -5.55
N ASP B 198 -22.56 6.79 -5.78
CA ASP B 198 -21.21 6.28 -5.91
C ASP B 198 -20.79 6.08 -7.36
N SER B 199 -21.46 6.80 -8.25
CA SER B 199 -21.15 6.76 -9.67
C SER B 199 -19.72 7.27 -9.88
N ARG B 200 -19.01 6.65 -10.82
CA ARG B 200 -17.64 7.07 -11.12
C ARG B 200 -17.64 8.24 -12.11
N ASP B 201 -18.83 8.70 -12.50
CA ASP B 201 -18.96 9.80 -13.46
C ASP B 201 -19.15 11.19 -12.85
N ILE B 202 -19.12 11.26 -11.51
CA ILE B 202 -19.23 12.55 -10.81
C ILE B 202 -17.98 12.67 -9.95
N PHE B 203 -17.50 13.92 -9.83
CA PHE B 203 -16.25 14.23 -9.14
C PHE B 203 -16.33 15.47 -8.26
N PRO B 204 -15.45 15.55 -7.24
CA PRO B 204 -15.46 16.72 -6.37
C PRO B 204 -14.94 17.95 -7.13
N ALA B 205 -15.42 19.12 -6.73
CA ALA B 205 -14.95 20.34 -7.35
C ALA B 205 -13.43 20.37 -7.16
N GLY B 206 -12.70 20.64 -8.24
CA GLY B 206 -11.24 20.68 -8.16
C GLY B 206 -10.60 19.48 -8.84
N TRP B 207 -11.40 18.49 -9.19
CA TRP B 207 -10.87 17.27 -9.82
C TRP B 207 -10.16 17.52 -11.13
N CYS B 208 -10.81 18.26 -12.03
CA CYS B 208 -10.17 18.55 -13.32
C CYS B 208 -8.85 19.29 -13.16
N ARG B 209 -8.80 20.30 -12.30
CA ARG B 209 -7.54 21.03 -12.13
C ARG B 209 -6.46 20.16 -11.49
N LEU B 210 -6.84 19.29 -10.57
CA LEU B 210 -5.88 18.41 -9.91
C LEU B 210 -5.34 17.32 -10.83
N THR B 211 -6.15 16.89 -11.78
CA THR B 211 -5.76 15.82 -12.70
C THR B 211 -5.33 16.32 -14.07
N GLY B 212 -5.39 17.63 -14.26
CA GLY B 212 -5.00 18.19 -15.53
C GLY B 212 -6.02 17.89 -16.63
N ASP B 213 -7.28 17.73 -16.25
CA ASP B 213 -8.34 17.45 -17.22
C ASP B 213 -8.98 18.79 -17.64
N VAL B 214 -9.99 18.72 -18.50
CA VAL B 214 -10.66 19.92 -18.97
C VAL B 214 -12.06 20.08 -18.36
N LEU B 215 -12.28 21.20 -17.68
CA LEU B 215 -13.58 21.48 -17.08
C LEU B 215 -14.26 22.58 -17.92
N GLN B 216 -15.46 22.30 -18.38
CA GLN B 216 -16.21 23.28 -19.17
C GLN B 216 -16.65 24.42 -18.31
N PRO B 217 -16.82 25.62 -18.90
CA PRO B 217 -17.26 26.75 -18.09
C PRO B 217 -18.76 26.54 -17.90
N PRO B 218 -19.38 27.19 -16.92
CA PRO B 218 -20.83 27.01 -16.73
C PRO B 218 -21.53 27.50 -18.01
N GLY B 219 -22.76 27.07 -18.25
CA GLY B 219 -23.50 27.52 -19.43
C GLY B 219 -24.00 28.94 -19.21
N THR B 220 -24.35 29.65 -20.28
CA THR B 220 -24.82 31.03 -20.10
C THR B 220 -26.33 31.20 -19.88
N SER B 221 -27.03 30.13 -19.53
CA SER B 221 -28.49 30.19 -19.30
C SER B 221 -28.89 29.76 -17.88
N MLZ C . 11.56 9.58 16.49
CA MLZ C . 11.14 8.92 17.71
CB MLZ C . 12.14 7.83 18.10
CG MLZ C . 11.79 7.07 19.36
CD MLZ C . 12.71 5.87 19.54
CE MLZ C . 12.37 5.11 20.79
NZ MLZ C . 13.24 3.90 20.95
CM MLZ C . 12.87 3.28 22.25
C MLZ C . 10.99 9.92 18.84
O MLZ C . 9.96 9.84 19.57
OXT MLZ C . 11.89 10.77 19.00
N MLZ D . -23.68 21.67 -28.39
CA MLZ D . -23.97 22.66 -27.35
CB MLZ D . -23.17 22.34 -26.07
CG MLZ D . -23.85 21.33 -25.15
CD MLZ D . -23.06 21.07 -23.86
CE MLZ D . -23.97 20.59 -22.73
NZ MLZ D . -23.22 20.34 -21.48
CM MLZ D . -24.02 20.09 -20.24
C MLZ D . -23.68 24.09 -27.82
O MLZ D . -24.45 25.00 -27.44
OXT MLZ D . -22.69 24.28 -28.57
C1 PGE E . -14.43 14.79 -28.61
O1 PGE E . -13.04 15.01 -28.29
C2 PGE E . -14.59 13.44 -29.30
O2 PGE E . -15.44 13.28 -30.45
C3 PGE E . -15.14 12.34 -31.50
C4 PGE E . -14.18 12.97 -32.51
O4 PGE E . -11.28 10.01 -34.16
C6 PGE E . -11.33 11.28 -33.47
C5 PGE E . -12.22 12.41 -33.98
O3 PGE E . -13.58 12.19 -33.56
#